data_9DCY
#
_entry.id   9DCY
#
_cell.length_a   78.448
_cell.length_b   35.983
_cell.length_c   88.903
_cell.angle_alpha   90.000
_cell.angle_beta   109.626
_cell.angle_gamma   90.000
#
_symmetry.space_group_name_H-M   'P 1 21 1'
#
loop_
_entity.id
_entity.type
_entity.pdbx_description
1 polymer 'Designed allosteric facilitated dissociation switch AS1 H'
2 polymer 'Designed allosteric facilitated dissociation switch AS1 E'
3 non-polymer S-1,2-PROPANEDIOL
4 water water
#
loop_
_entity_poly.entity_id
_entity_poly.type
_entity_poly.pdbx_seq_one_letter_code
_entity_poly.pdbx_strand_id
1 'polypeptide(L)'
;MSGSMKEEIKRLAEELKEKTKNEEIKRLAEEAAELAERSDDPEVLEVVKKALEEALKSKNEEKIELLLLVAVLVAEAGSV
DAVEEKLEIALLALKLAEESKDPRIIRGALRAAIAALRSDDPLALKTVKEALERARASKDERLIRAILAAAYAFALLAVA
GASAERLKEAEAIVKELIAAAEKGASPQELVLLVIEMMVKGMGVTMETHRSGNEVKVVIKGLHESQQEVLLEAVLFAAEL
MGVRVRIRFKGDTVTIVVRE
;
A,C
2 'polypeptide(L)' EERKKELAKEVIETAKKLIEKLAKEE B,D
#
# COMPACT_ATOMS: atom_id res chain seq x y z
N GLY A 3 -11.86 -9.49 -35.94
CA GLY A 3 -12.03 -9.44 -37.38
C GLY A 3 -13.43 -9.04 -37.79
N SER A 4 -14.24 -10.04 -38.16
CA SER A 4 -15.61 -9.76 -38.58
C SER A 4 -16.46 -9.23 -37.43
N MET A 5 -16.14 -9.64 -36.19
CA MET A 5 -16.90 -9.16 -35.04
C MET A 5 -16.65 -7.68 -34.79
N LYS A 6 -15.43 -7.20 -35.05
CA LYS A 6 -15.12 -5.79 -34.81
C LYS A 6 -16.01 -4.87 -35.62
N GLU A 7 -16.21 -5.18 -36.90
CA GLU A 7 -17.10 -4.36 -37.72
C GLU A 7 -18.55 -4.51 -37.31
N GLU A 8 -18.93 -5.70 -36.83
CA GLU A 8 -20.28 -5.87 -36.30
C GLU A 8 -20.46 -5.11 -35.00
N ILE A 9 -19.43 -5.11 -34.15
CA ILE A 9 -19.49 -4.36 -32.89
C ILE A 9 -19.66 -2.87 -33.17
N LYS A 10 -18.97 -2.36 -34.19
CA LYS A 10 -19.12 -0.95 -34.55
C LYS A 10 -20.53 -0.65 -35.05
N ARG A 11 -21.12 -1.56 -35.82
CA ARG A 11 -22.48 -1.37 -36.28
C ARG A 11 -23.48 -1.48 -35.13
N LEU A 12 -23.26 -2.43 -34.22
CA LEU A 12 -24.14 -2.55 -33.06
C LEU A 12 -24.02 -1.32 -32.17
N ALA A 13 -22.80 -0.82 -31.96
CA ALA A 13 -22.62 0.38 -31.16
C ALA A 13 -23.27 1.59 -31.81
N GLU A 14 -23.31 1.64 -33.14
CA GLU A 14 -23.95 2.75 -33.83
C GLU A 14 -25.47 2.70 -33.67
N GLU A 15 -26.05 1.50 -33.66
CA GLU A 15 -27.49 1.38 -33.46
C GLU A 15 -27.90 1.86 -32.07
N LEU A 16 -27.08 1.57 -31.06
CA LEU A 16 -27.42 2.01 -29.71
C LEU A 16 -27.33 3.53 -29.59
N LYS A 17 -26.33 4.15 -30.22
CA LYS A 17 -26.20 5.60 -30.17
C LYS A 17 -27.42 6.28 -30.75
N GLU A 18 -27.95 5.78 -31.87
CA GLU A 18 -29.10 6.40 -32.50
C GLU A 18 -30.40 6.09 -31.77
N LYS A 19 -30.50 4.91 -31.15
CA LYS A 19 -31.74 4.56 -30.45
C LYS A 19 -31.94 5.44 -29.22
N THR A 20 -30.94 5.51 -28.35
CA THR A 20 -31.08 6.21 -27.08
C THR A 20 -30.61 7.65 -27.18
N LYS A 21 -30.98 8.45 -26.19
CA LYS A 21 -30.54 9.82 -26.07
C LYS A 21 -29.63 10.04 -24.86
N ASN A 22 -29.48 9.04 -24.00
CA ASN A 22 -28.58 9.16 -22.86
C ASN A 22 -27.14 9.29 -23.35
N GLU A 23 -26.52 10.43 -23.04
CA GLU A 23 -25.17 10.69 -23.53
C GLU A 23 -24.13 9.75 -22.91
N GLU A 24 -24.36 9.29 -21.68
CA GLU A 24 -23.44 8.35 -21.07
C GLU A 24 -23.49 6.99 -21.75
N ILE A 25 -24.66 6.56 -22.20
CA ILE A 25 -24.76 5.32 -22.96
C ILE A 25 -24.05 5.47 -24.30
N LYS A 26 -24.21 6.62 -24.96
CA LYS A 26 -23.56 6.83 -26.25
C LYS A 26 -22.04 6.89 -26.11
N ARG A 27 -21.55 7.43 -24.99
CA ARG A 27 -20.11 7.45 -24.77
C ARG A 27 -19.58 6.05 -24.47
N LEU A 28 -20.31 5.28 -23.66
CA LEU A 28 -19.88 3.91 -23.37
C LEU A 28 -19.89 3.05 -24.63
N ALA A 29 -20.91 3.19 -25.47
CA ALA A 29 -20.94 2.46 -26.73
C ALA A 29 -19.79 2.87 -27.64
N GLU A 30 -19.38 4.14 -27.58
CA GLU A 30 -18.27 4.59 -28.41
C GLU A 30 -16.96 3.92 -27.99
N GLU A 31 -16.63 3.99 -26.71
CA GLU A 31 -15.36 3.43 -26.26
C GLU A 31 -15.36 1.91 -26.28
N ALA A 32 -16.54 1.28 -26.19
CA ALA A 32 -16.61 -0.17 -26.34
C ALA A 32 -16.21 -0.59 -27.75
N ALA A 33 -16.58 0.20 -28.75
CA ALA A 33 -16.16 -0.09 -30.12
C ALA A 33 -14.69 0.22 -30.33
N GLU A 34 -14.19 1.29 -29.69
CA GLU A 34 -12.78 1.63 -29.80
C GLU A 34 -11.90 0.56 -29.18
N LEU A 35 -12.24 0.14 -27.96
CA LEU A 35 -11.43 -0.86 -27.26
C LEU A 35 -11.48 -2.20 -27.97
N ALA A 36 -12.64 -2.55 -28.55
CA ALA A 36 -12.75 -3.84 -29.24
C ALA A 36 -11.90 -3.86 -30.50
N GLU A 37 -11.80 -2.74 -31.21
CA GLU A 37 -11.04 -2.71 -32.45
C GLU A 37 -9.54 -2.89 -32.19
N ARG A 38 -9.06 -2.51 -31.01
CA ARG A 38 -7.67 -2.66 -30.65
C ARG A 38 -7.38 -3.97 -29.94
N SER A 39 -8.32 -4.91 -29.92
CA SER A 39 -8.16 -6.19 -29.25
C SER A 39 -8.21 -7.32 -30.28
N ASP A 40 -7.23 -8.22 -30.23
CA ASP A 40 -7.18 -9.37 -31.12
C ASP A 40 -7.74 -10.63 -30.48
N ASP A 41 -8.04 -10.61 -29.19
CA ASP A 41 -8.54 -11.79 -28.49
C ASP A 41 -9.97 -12.08 -28.89
N PRO A 42 -10.27 -13.28 -29.43
CA PRO A 42 -11.66 -13.56 -29.84
C PRO A 42 -12.62 -13.64 -28.67
N GLU A 43 -12.17 -14.11 -27.50
CA GLU A 43 -13.07 -14.21 -26.35
C GLU A 43 -13.46 -12.83 -25.83
N VAL A 44 -12.57 -11.83 -25.97
CA VAL A 44 -12.93 -10.48 -25.58
C VAL A 44 -13.97 -9.90 -26.54
N LEU A 45 -13.79 -10.12 -27.85
CA LEU A 45 -14.70 -9.58 -28.83
C LEU A 45 -16.10 -10.20 -28.73
N GLU A 46 -16.18 -11.47 -28.36
CA GLU A 46 -17.50 -12.12 -28.28
C GLU A 46 -18.27 -11.66 -27.06
N VAL A 47 -17.58 -11.25 -25.99
CA VAL A 47 -18.26 -10.77 -24.80
C VAL A 47 -18.86 -9.38 -25.05
N VAL A 48 -18.06 -8.47 -25.63
CA VAL A 48 -18.55 -7.11 -25.84
C VAL A 48 -19.62 -7.09 -26.92
N LYS A 49 -19.59 -8.02 -27.88
CA LYS A 49 -20.64 -8.12 -28.87
C LYS A 49 -21.91 -8.74 -28.27
N LYS A 50 -21.72 -9.73 -27.39
CA LYS A 50 -22.85 -10.31 -26.67
C LYS A 50 -23.50 -9.29 -25.74
N ALA A 51 -22.71 -8.39 -25.15
CA ALA A 51 -23.28 -7.36 -24.29
C ALA A 51 -24.02 -6.31 -25.12
N LEU A 52 -23.46 -5.94 -26.27
CA LEU A 52 -24.10 -4.94 -27.13
C LEU A 52 -25.40 -5.48 -27.73
N GLU A 53 -25.45 -6.77 -28.05
CA GLU A 53 -26.67 -7.35 -28.61
C GLU A 53 -27.79 -7.38 -27.58
N GLU A 54 -27.47 -7.77 -26.34
CA GLU A 54 -28.48 -7.75 -25.29
C GLU A 54 -28.89 -6.33 -24.93
N ALA A 55 -27.97 -5.37 -25.08
CA ALA A 55 -28.33 -3.97 -24.83
C ALA A 55 -29.33 -3.46 -25.86
N LEU A 56 -29.24 -3.94 -27.11
CA LEU A 56 -30.21 -3.56 -28.13
C LEU A 56 -31.55 -4.24 -27.91
N LYS A 57 -31.59 -5.37 -27.22
CA LYS A 57 -32.83 -6.06 -26.92
C LYS A 57 -33.59 -5.44 -25.76
N SER A 58 -33.05 -4.39 -25.14
CA SER A 58 -33.66 -3.77 -23.98
C SER A 58 -33.90 -2.28 -24.23
N LYS A 59 -34.85 -1.73 -23.48
CA LYS A 59 -35.12 -0.30 -23.49
C LYS A 59 -34.82 0.38 -22.17
N ASN A 60 -34.62 -0.39 -21.10
CA ASN A 60 -34.30 0.16 -19.79
C ASN A 60 -32.88 0.70 -19.80
N GLU A 61 -32.73 2.01 -19.66
CA GLU A 61 -31.41 2.64 -19.74
C GLU A 61 -30.50 2.22 -18.59
N GLU A 62 -31.06 1.82 -17.45
CA GLU A 62 -30.22 1.40 -16.34
C GLU A 62 -29.53 0.07 -16.65
N LYS A 63 -30.23 -0.83 -17.33
CA LYS A 63 -29.62 -2.12 -17.67
C LYS A 63 -28.70 -2.02 -18.87
N ILE A 64 -29.00 -1.12 -19.81
CA ILE A 64 -28.13 -0.92 -20.96
C ILE A 64 -26.78 -0.37 -20.52
N GLU A 65 -26.79 0.55 -19.55
CA GLU A 65 -25.52 1.06 -19.01
C GLU A 65 -24.70 -0.05 -18.37
N LEU A 66 -25.36 -0.92 -17.59
CA LEU A 66 -24.64 -2.01 -16.92
C LEU A 66 -24.02 -2.97 -17.92
N LEU A 67 -24.78 -3.34 -18.95
CA LEU A 67 -24.24 -4.20 -20.00
C LEU A 67 -23.06 -3.53 -20.70
N LEU A 68 -23.17 -2.23 -20.97
CA LEU A 68 -22.08 -1.52 -21.61
C LEU A 68 -20.86 -1.41 -20.71
N LEU A 69 -21.06 -1.29 -19.39
CA LEU A 69 -19.93 -1.24 -18.47
C LEU A 69 -19.19 -2.56 -18.43
N VAL A 70 -19.90 -3.69 -18.57
CA VAL A 70 -19.23 -4.99 -18.65
C VAL A 70 -18.38 -5.08 -19.91
N ALA A 71 -18.90 -4.58 -21.03
CA ALA A 71 -18.14 -4.60 -22.28
C ALA A 71 -16.89 -3.75 -22.17
N VAL A 72 -17.00 -2.58 -21.53
CA VAL A 72 -15.85 -1.69 -21.42
C VAL A 72 -14.78 -2.29 -20.51
N LEU A 73 -15.20 -2.85 -19.37
CA LEU A 73 -14.23 -3.40 -18.42
C LEU A 73 -13.49 -4.60 -19.01
N VAL A 74 -14.22 -5.52 -19.65
CA VAL A 74 -13.59 -6.71 -20.23
C VAL A 74 -12.64 -6.31 -21.35
N ALA A 75 -13.07 -5.38 -22.22
CA ALA A 75 -12.20 -4.92 -23.30
C ALA A 75 -11.00 -4.14 -22.79
N GLU A 76 -11.11 -3.53 -21.61
CA GLU A 76 -9.98 -2.79 -21.05
C GLU A 76 -8.90 -3.74 -20.54
N ALA A 77 -9.30 -4.83 -19.89
CA ALA A 77 -8.32 -5.79 -19.36
C ALA A 77 -9.07 -7.11 -19.12
N GLY A 78 -9.10 -7.96 -20.15
CA GLY A 78 -9.80 -9.23 -20.05
C GLY A 78 -9.21 -10.31 -20.92
N SER A 79 -7.90 -10.22 -21.18
CA SER A 79 -7.24 -11.22 -22.01
C SER A 79 -5.76 -11.27 -21.62
N VAL A 80 -5.04 -12.20 -22.25
CA VAL A 80 -3.59 -12.24 -22.13
C VAL A 80 -3.00 -11.03 -22.82
N ASP A 81 -1.73 -10.75 -22.54
CA ASP A 81 -1.01 -9.53 -22.94
C ASP A 81 -1.56 -8.28 -22.25
N ALA A 82 -2.40 -8.44 -21.24
CA ALA A 82 -2.82 -7.35 -20.39
C ALA A 82 -2.09 -7.43 -19.06
N VAL A 83 -2.11 -6.33 -18.30
CA VAL A 83 -1.42 -6.29 -17.03
C VAL A 83 -2.06 -7.26 -16.05
N GLU A 84 -1.22 -8.02 -15.34
CA GLU A 84 -1.73 -9.03 -14.42
C GLU A 84 -2.54 -8.40 -13.29
N GLU A 85 -2.10 -7.24 -12.80
CA GLU A 85 -2.84 -6.56 -11.74
C GLU A 85 -4.16 -5.99 -12.25
N LYS A 86 -4.20 -5.57 -13.52
CA LYS A 86 -5.45 -5.07 -14.08
C LYS A 86 -6.46 -6.19 -14.30
N LEU A 87 -5.99 -7.41 -14.57
CA LEU A 87 -6.90 -8.53 -14.69
C LEU A 87 -7.48 -8.93 -13.34
N GLU A 88 -6.69 -8.80 -12.26
CA GLU A 88 -7.21 -9.10 -10.93
C GLU A 88 -8.33 -8.15 -10.54
N ILE A 89 -8.13 -6.85 -10.75
CA ILE A 89 -9.16 -5.87 -10.41
C ILE A 89 -10.40 -6.08 -11.25
N ALA A 90 -10.22 -6.40 -12.54
CA ALA A 90 -11.37 -6.66 -13.40
C ALA A 90 -12.18 -7.85 -12.91
N LEU A 91 -11.50 -8.90 -12.44
CA LEU A 91 -12.21 -10.08 -11.96
C LEU A 91 -12.92 -9.82 -10.64
N LEU A 92 -12.30 -9.02 -9.77
CA LEU A 92 -12.94 -8.69 -8.50
C LEU A 92 -14.24 -7.93 -8.71
N ALA A 93 -14.26 -6.98 -9.65
CA ALA A 93 -15.47 -6.21 -9.90
C ALA A 93 -16.53 -7.06 -10.57
N LEU A 94 -16.12 -7.97 -11.46
CA LEU A 94 -17.09 -8.83 -12.14
C LEU A 94 -17.70 -9.84 -11.18
N LYS A 95 -16.89 -10.40 -10.28
CA LYS A 95 -17.44 -11.33 -9.29
C LYS A 95 -18.36 -10.61 -8.30
N LEU A 96 -17.95 -9.41 -7.86
CA LEU A 96 -18.79 -8.64 -6.94
C LEU A 96 -20.12 -8.26 -7.58
N ALA A 97 -20.10 -7.94 -8.88
CA ALA A 97 -21.34 -7.55 -9.55
C ALA A 97 -22.25 -8.74 -9.79
N GLU A 98 -21.67 -9.91 -10.10
CA GLU A 98 -22.48 -11.09 -10.36
C GLU A 98 -23.18 -11.58 -9.09
N GLU A 99 -22.55 -11.43 -7.94
CA GLU A 99 -23.10 -11.91 -6.68
C GLU A 99 -23.93 -10.86 -5.94
N SER A 100 -24.30 -9.78 -6.61
CA SER A 100 -25.07 -8.71 -5.99
C SER A 100 -26.38 -8.50 -6.74
N LYS A 101 -27.40 -8.05 -6.00
CA LYS A 101 -28.72 -7.78 -6.56
C LYS A 101 -28.95 -6.32 -6.87
N ASP A 102 -28.43 -5.42 -6.05
CA ASP A 102 -28.66 -3.99 -6.24
C ASP A 102 -27.95 -3.50 -7.49
N PRO A 103 -28.65 -2.90 -8.45
CA PRO A 103 -27.96 -2.39 -9.65
C PRO A 103 -26.94 -1.31 -9.35
N ARG A 104 -27.08 -0.59 -8.24
CA ARG A 104 -26.10 0.42 -7.88
C ARG A 104 -24.78 -0.19 -7.45
N ILE A 105 -24.81 -1.39 -6.86
CA ILE A 105 -23.58 -2.11 -6.56
C ILE A 105 -22.91 -2.57 -7.85
N ILE A 106 -23.71 -3.01 -8.83
CA ILE A 106 -23.16 -3.42 -10.11
C ILE A 106 -22.57 -2.22 -10.85
N ARG A 107 -23.26 -1.08 -10.82
CA ARG A 107 -22.73 0.12 -11.47
C ARG A 107 -21.47 0.60 -10.78
N GLY A 108 -21.47 0.65 -9.45
CA GLY A 108 -20.32 1.15 -8.74
C GLY A 108 -19.09 0.28 -8.90
N ALA A 109 -19.27 -1.04 -8.87
CA ALA A 109 -18.14 -1.96 -8.98
C ALA A 109 -17.48 -1.85 -10.35
N LEU A 110 -18.29 -1.78 -11.41
CA LEU A 110 -17.72 -1.68 -12.76
C LEU A 110 -17.10 -0.30 -13.00
N ARG A 111 -17.77 0.77 -12.55
CA ARG A 111 -17.23 2.11 -12.72
C ARG A 111 -15.91 2.26 -12.00
N ALA A 112 -15.84 1.80 -10.74
CA ALA A 112 -14.61 1.93 -9.97
C ALA A 112 -13.46 1.17 -10.62
N ALA A 113 -13.74 -0.02 -11.15
CA ALA A 113 -12.70 -0.81 -11.79
C ALA A 113 -12.21 -0.13 -13.08
N ILE A 114 -13.14 0.30 -13.93
CA ILE A 114 -12.77 0.92 -15.20
C ILE A 114 -11.94 2.17 -14.96
N ALA A 115 -12.33 2.99 -13.97
CA ALA A 115 -11.60 4.21 -13.70
C ALA A 115 -10.20 3.93 -13.14
N ALA A 116 -10.05 2.86 -12.36
CA ALA A 116 -8.73 2.53 -11.83
C ALA A 116 -7.79 2.07 -12.93
N LEU A 117 -8.30 1.28 -13.87
CA LEU A 117 -7.44 0.78 -14.95
C LEU A 117 -6.98 1.91 -15.85
N ARG A 118 -7.88 2.86 -16.15
CA ARG A 118 -7.52 3.97 -17.03
C ARG A 118 -6.57 4.95 -16.36
N SER A 119 -6.52 4.98 -15.02
CA SER A 119 -5.67 5.95 -14.34
C SER A 119 -4.19 5.57 -14.45
N ASP A 120 -3.89 4.28 -14.51
CA ASP A 120 -2.52 3.77 -14.50
C ASP A 120 -1.72 4.23 -13.27
N ASP A 121 -2.42 4.62 -12.21
CA ASP A 121 -1.78 5.07 -10.99
C ASP A 121 -1.72 3.92 -10.00
N PRO A 122 -0.53 3.55 -9.51
CA PRO A 122 -0.46 2.40 -8.58
C PRO A 122 -1.25 2.59 -7.30
N LEU A 123 -1.33 3.83 -6.79
CA LEU A 123 -2.10 4.06 -5.57
C LEU A 123 -3.59 3.89 -5.82
N ALA A 124 -4.07 4.31 -6.99
CA ALA A 124 -5.49 4.11 -7.31
C ALA A 124 -5.79 2.65 -7.58
N LEU A 125 -4.85 1.91 -8.18
CA LEU A 125 -5.08 0.50 -8.46
C LEU A 125 -5.21 -0.32 -7.18
N LYS A 126 -4.34 -0.06 -6.20
CA LYS A 126 -4.40 -0.83 -4.96
C LYS A 126 -5.59 -0.41 -4.10
N THR A 127 -5.95 0.87 -4.13
CA THR A 127 -7.09 1.32 -3.34
C THR A 127 -8.39 0.69 -3.83
N VAL A 128 -8.59 0.66 -5.15
CA VAL A 128 -9.81 0.06 -5.69
C VAL A 128 -9.78 -1.45 -5.52
N LYS A 129 -8.61 -2.08 -5.69
CA LYS A 129 -8.49 -3.52 -5.47
C LYS A 129 -8.88 -3.90 -4.05
N GLU A 130 -8.32 -3.20 -3.06
CA GLU A 130 -8.63 -3.51 -1.67
C GLU A 130 -10.07 -3.13 -1.31
N ALA A 131 -10.63 -2.13 -1.99
CA ALA A 131 -12.02 -1.77 -1.74
C ALA A 131 -12.97 -2.82 -2.28
N LEU A 132 -12.64 -3.41 -3.43
CA LEU A 132 -13.48 -4.47 -3.99
C LEU A 132 -13.44 -5.73 -3.13
N GLU A 133 -12.25 -6.07 -2.62
CA GLU A 133 -12.13 -7.25 -1.76
C GLU A 133 -12.84 -7.03 -0.43
N ARG A 134 -12.76 -5.81 0.11
CA ARG A 134 -13.50 -5.51 1.33
C ARG A 134 -15.00 -5.58 1.11
N ALA A 135 -15.48 -5.19 -0.08
CA ALA A 135 -16.90 -5.26 -0.36
C ALA A 135 -17.37 -6.70 -0.55
N ARG A 136 -16.53 -7.54 -1.16
CA ARG A 136 -16.89 -8.94 -1.32
C ARG A 136 -16.92 -9.67 0.01
N ALA A 137 -16.12 -9.22 0.98
CA ALA A 137 -16.03 -9.92 2.26
C ALA A 137 -17.28 -9.75 3.11
N SER A 138 -18.13 -8.78 2.82
CA SER A 138 -19.36 -8.58 3.55
C SER A 138 -20.55 -8.62 2.59
N LYS A 139 -21.74 -8.85 3.16
CA LYS A 139 -22.98 -8.85 2.41
C LYS A 139 -23.87 -7.67 2.76
N ASP A 140 -23.34 -6.70 3.50
CA ASP A 140 -24.06 -5.47 3.84
C ASP A 140 -24.09 -4.58 2.60
N GLU A 141 -25.22 -4.59 1.88
CA GLU A 141 -25.33 -3.81 0.66
C GLU A 141 -25.20 -2.32 0.90
N ARG A 142 -25.66 -1.84 2.06
CA ARG A 142 -25.51 -0.43 2.39
C ARG A 142 -24.04 -0.06 2.58
N LEU A 143 -23.27 -0.93 3.24
CA LEU A 143 -21.84 -0.70 3.40
C LEU A 143 -21.12 -0.81 2.06
N ILE A 144 -21.53 -1.77 1.22
CA ILE A 144 -20.86 -1.97 -0.06
C ILE A 144 -21.03 -0.75 -0.95
N ARG A 145 -22.22 -0.14 -0.94
CA ARG A 145 -22.46 1.04 -1.78
C ARG A 145 -21.59 2.22 -1.35
N ALA A 146 -21.30 2.35 -0.05
CA ALA A 146 -20.45 3.43 0.40
C ALA A 146 -18.99 3.19 0.03
N ILE A 147 -18.55 1.92 0.09
CA ILE A 147 -17.18 1.59 -0.29
C ILE A 147 -16.96 1.88 -1.78
N LEU A 148 -17.91 1.47 -2.63
CA LEU A 148 -17.75 1.68 -4.06
C LEU A 148 -17.80 3.16 -4.42
N ALA A 149 -18.65 3.93 -3.73
CA ALA A 149 -18.70 5.38 -3.99
C ALA A 149 -17.38 6.05 -3.66
N ALA A 150 -16.74 5.65 -2.55
CA ALA A 150 -15.45 6.22 -2.19
C ALA A 150 -14.36 5.77 -3.14
N ALA A 151 -14.39 4.50 -3.56
CA ALA A 151 -13.37 3.99 -4.48
C ALA A 151 -13.46 4.67 -5.85
N TYR A 152 -14.68 4.90 -6.34
CA TYR A 152 -14.86 5.50 -7.65
C TYR A 152 -14.41 6.96 -7.66
N ALA A 153 -14.80 7.72 -6.62
CA ALA A 153 -14.40 9.12 -6.55
C ALA A 153 -12.89 9.26 -6.42
N PHE A 154 -12.24 8.34 -5.71
CA PHE A 154 -10.79 8.40 -5.57
C PHE A 154 -10.10 8.07 -6.89
N ALA A 155 -10.65 7.12 -7.64
CA ALA A 155 -10.07 6.78 -8.94
C ALA A 155 -10.26 7.91 -9.94
N LEU A 156 -11.34 8.68 -9.81
CA LEU A 156 -11.55 9.81 -10.71
C LEU A 156 -10.48 10.88 -10.51
N LEU A 157 -10.08 11.12 -9.25
CA LEU A 157 -9.00 12.07 -8.99
C LEU A 157 -7.73 11.69 -9.72
N ALA A 158 -7.39 10.40 -9.71
CA ALA A 158 -6.19 9.94 -10.42
C ALA A 158 -6.36 10.09 -11.93
N VAL A 159 -7.53 9.73 -12.46
CA VAL A 159 -7.78 9.90 -13.89
C VAL A 159 -7.68 11.37 -14.27
N ALA A 160 -8.18 12.27 -13.41
CA ALA A 160 -8.12 13.70 -13.69
C ALA A 160 -6.71 14.26 -13.58
N GLY A 161 -5.77 13.52 -12.99
CA GLY A 161 -4.40 13.95 -12.90
C GLY A 161 -4.00 14.56 -11.58
N ALA A 162 -4.57 14.13 -10.46
CA ALA A 162 -4.19 14.66 -9.16
C ALA A 162 -2.75 14.29 -8.85
N SER A 163 -2.01 15.23 -8.26
CA SER A 163 -0.64 14.98 -7.89
C SER A 163 -0.56 13.93 -6.79
N ALA A 164 0.65 13.38 -6.60
CA ALA A 164 0.85 12.37 -5.57
C ALA A 164 0.58 12.94 -4.18
N GLU A 165 0.93 14.21 -3.95
CA GLU A 165 0.70 14.81 -2.63
C GLU A 165 -0.79 14.97 -2.35
N ARG A 166 -1.55 15.48 -3.32
CA ARG A 166 -2.98 15.67 -3.12
C ARG A 166 -3.75 14.36 -3.13
N LEU A 167 -3.29 13.38 -3.92
CA LEU A 167 -3.93 12.08 -3.91
C LEU A 167 -3.74 11.36 -2.58
N LYS A 168 -2.61 11.59 -1.92
CA LYS A 168 -2.36 10.98 -0.62
C LYS A 168 -3.32 11.55 0.44
N GLU A 169 -3.54 12.86 0.42
CA GLU A 169 -4.51 13.47 1.34
C GLU A 169 -5.91 12.95 1.06
N ALA A 170 -6.24 12.74 -0.22
CA ALA A 170 -7.53 12.16 -0.56
C ALA A 170 -7.64 10.72 -0.09
N GLU A 171 -6.52 10.00 -0.03
CA GLU A 171 -6.54 8.62 0.43
C GLU A 171 -6.91 8.53 1.90
N ALA A 172 -6.44 9.48 2.72
CA ALA A 172 -6.80 9.49 4.13
C ALA A 172 -8.29 9.64 4.34
N ILE A 173 -8.98 10.32 3.41
CA ILE A 173 -10.42 10.46 3.50
C ILE A 173 -11.12 9.18 3.06
N VAL A 174 -10.51 8.43 2.13
CA VAL A 174 -11.06 7.13 1.75
C VAL A 174 -11.08 6.20 2.96
N LYS A 175 -9.99 6.18 3.73
CA LYS A 175 -9.96 5.38 4.95
C LYS A 175 -11.02 5.86 5.94
N GLU A 176 -11.15 7.18 6.10
CA GLU A 176 -12.09 7.72 7.07
C GLU A 176 -13.54 7.44 6.66
N LEU A 177 -13.84 7.50 5.37
CA LEU A 177 -15.20 7.25 4.92
C LEU A 177 -15.59 5.79 5.13
N ILE A 178 -14.70 4.87 4.74
CA ILE A 178 -15.00 3.44 4.90
C ILE A 178 -15.14 3.09 6.38
N ALA A 179 -14.25 3.61 7.22
CA ALA A 179 -14.33 3.34 8.65
C ALA A 179 -15.61 3.92 9.25
N ALA A 180 -16.05 5.08 8.74
CA ALA A 180 -17.29 5.67 9.24
C ALA A 180 -18.52 4.90 8.75
N ALA A 181 -18.44 4.30 7.57
CA ALA A 181 -19.56 3.51 7.07
C ALA A 181 -19.74 2.23 7.88
N GLU A 182 -18.63 1.62 8.30
CA GLU A 182 -18.72 0.42 9.13
C GLU A 182 -19.27 0.71 10.52
N LYS A 183 -19.20 1.96 10.97
CA LYS A 183 -19.82 2.38 12.22
C LYS A 183 -21.28 2.77 12.06
N GLY A 184 -21.82 2.71 10.83
CA GLY A 184 -23.21 3.03 10.61
C GLY A 184 -23.51 4.50 10.48
N ALA A 185 -22.58 5.28 9.94
CA ALA A 185 -22.82 6.72 9.77
C ALA A 185 -23.90 6.95 8.73
N SER A 186 -24.62 8.07 8.91
CA SER A 186 -25.69 8.41 7.98
C SER A 186 -25.12 8.65 6.58
N PRO A 187 -25.90 8.34 5.54
CA PRO A 187 -25.38 8.54 4.17
C PRO A 187 -25.11 10.00 3.84
N GLN A 188 -25.74 10.94 4.56
CA GLN A 188 -25.46 12.35 4.34
C GLN A 188 -24.03 12.71 4.73
N GLU A 189 -23.57 12.19 5.88
CA GLU A 189 -22.20 12.44 6.29
C GLU A 189 -21.19 11.75 5.37
N LEU A 190 -21.57 10.60 4.81
CA LEU A 190 -20.69 9.92 3.87
C LEU A 190 -20.56 10.71 2.58
N VAL A 191 -21.65 11.36 2.14
CA VAL A 191 -21.59 12.21 0.96
C VAL A 191 -20.75 13.45 1.24
N LEU A 192 -20.85 14.00 2.45
CA LEU A 192 -20.00 15.12 2.84
C LEU A 192 -18.53 14.75 2.80
N LEU A 193 -18.20 13.50 3.14
CA LEU A 193 -16.81 13.06 3.09
C LEU A 193 -16.32 12.92 1.64
N VAL A 194 -17.21 12.50 0.73
CA VAL A 194 -16.84 12.47 -0.68
C VAL A 194 -16.50 13.87 -1.18
N ILE A 195 -17.29 14.86 -0.78
CA ILE A 195 -17.01 16.25 -1.15
C ILE A 195 -15.65 16.67 -0.61
N GLU A 196 -15.35 16.32 0.64
CA GLU A 196 -14.06 16.68 1.22
C GLU A 196 -12.91 15.94 0.53
N MET A 197 -13.15 14.70 0.09
CA MET A 197 -12.12 13.97 -0.64
C MET A 197 -11.75 14.68 -1.94
N MET A 198 -12.77 15.13 -2.69
CA MET A 198 -12.50 15.78 -3.97
C MET A 198 -11.88 17.16 -3.77
N VAL A 199 -12.21 17.83 -2.66
CA VAL A 199 -11.65 19.16 -2.42
C VAL A 199 -10.15 19.06 -2.16
N LYS A 200 -9.74 18.14 -1.27
CA LYS A 200 -8.32 17.97 -1.01
C LYS A 200 -7.59 17.36 -2.19
N GLY A 201 -8.25 16.48 -2.95
CA GLY A 201 -7.63 15.88 -4.11
C GLY A 201 -7.30 16.86 -5.22
N MET A 202 -7.96 18.01 -5.25
CA MET A 202 -7.72 19.02 -6.25
C MET A 202 -7.04 20.27 -5.69
N GLY A 203 -6.83 20.35 -4.38
CA GLY A 203 -6.07 21.43 -3.81
C GLY A 203 -6.82 22.72 -3.60
N VAL A 204 -8.14 22.66 -3.43
CA VAL A 204 -8.93 23.87 -3.20
C VAL A 204 -9.40 23.87 -1.75
N THR A 205 -10.30 24.80 -1.41
CA THR A 205 -10.83 24.93 -0.07
C THR A 205 -12.35 24.81 -0.11
N MET A 206 -12.93 24.54 1.06
CA MET A 206 -14.37 24.42 1.20
C MET A 206 -14.81 25.02 2.53
N GLU A 207 -16.04 25.53 2.54
CA GLU A 207 -16.67 26.07 3.74
C GLU A 207 -17.97 25.35 3.96
N THR A 208 -18.15 24.76 5.15
CA THR A 208 -19.33 23.99 5.50
C THR A 208 -20.17 24.79 6.48
N HIS A 209 -21.41 25.10 6.08
CA HIS A 209 -22.35 25.82 6.91
C HIS A 209 -23.43 24.84 7.35
N ARG A 210 -23.36 24.40 8.60
CA ARG A 210 -24.23 23.37 9.13
C ARG A 210 -25.41 24.01 9.85
N SER A 211 -26.62 23.67 9.41
CA SER A 211 -27.84 24.07 10.09
C SER A 211 -28.59 22.89 10.67
N GLY A 212 -28.12 21.67 10.43
CA GLY A 212 -28.84 20.46 10.83
C GLY A 212 -29.85 20.03 9.79
N ASN A 213 -30.48 21.01 9.12
CA ASN A 213 -31.47 20.73 8.08
C ASN A 213 -30.91 20.96 6.68
N GLU A 214 -30.24 22.08 6.47
CA GLU A 214 -29.65 22.41 5.17
C GLU A 214 -28.12 22.47 5.36
N VAL A 215 -27.46 21.33 5.15
CA VAL A 215 -26.00 21.26 5.22
C VAL A 215 -25.47 21.69 3.85
N LYS A 216 -24.94 22.91 3.79
CA LYS A 216 -24.45 23.49 2.55
C LYS A 216 -22.94 23.54 2.54
N VAL A 217 -22.34 23.17 1.41
CA VAL A 217 -20.91 23.22 1.20
C VAL A 217 -20.62 24.16 0.04
N VAL A 218 -19.74 25.13 0.27
CA VAL A 218 -19.34 26.10 -0.74
C VAL A 218 -17.88 25.85 -1.08
N ILE A 219 -17.60 25.58 -2.34
CA ILE A 219 -16.26 25.25 -2.82
C ILE A 219 -15.83 26.32 -3.81
N LYS A 220 -14.69 26.94 -3.55
CA LYS A 220 -14.17 28.02 -4.38
C LYS A 220 -12.86 27.60 -5.04
N GLY A 221 -12.55 28.24 -6.16
CA GLY A 221 -11.31 28.01 -6.86
C GLY A 221 -11.33 26.89 -7.87
N LEU A 222 -12.51 26.35 -8.19
CA LEU A 222 -12.62 25.28 -9.17
C LEU A 222 -12.82 25.85 -10.56
N HIS A 223 -12.19 25.23 -11.55
CA HIS A 223 -12.36 25.63 -12.94
C HIS A 223 -13.16 24.56 -13.68
N GLU A 224 -13.26 24.73 -15.00
CA GLU A 224 -14.20 23.95 -15.81
C GLU A 224 -14.03 22.45 -15.60
N SER A 225 -12.83 21.93 -15.89
CA SER A 225 -12.60 20.49 -15.77
C SER A 225 -12.73 20.02 -14.33
N GLN A 226 -12.31 20.84 -13.37
CA GLN A 226 -12.39 20.44 -11.97
C GLN A 226 -13.83 20.37 -11.49
N GLN A 227 -14.71 21.25 -11.97
CA GLN A 227 -16.10 21.22 -11.56
C GLN A 227 -16.81 19.98 -12.11
N GLU A 228 -16.46 19.56 -13.33
CA GLU A 228 -17.06 18.36 -13.89
C GLU A 228 -16.66 17.12 -13.10
N VAL A 229 -15.38 17.00 -12.74
CA VAL A 229 -14.93 15.84 -11.98
C VAL A 229 -15.56 15.83 -10.59
N LEU A 230 -15.61 16.99 -9.93
CA LEU A 230 -16.25 17.05 -8.61
C LEU A 230 -17.72 16.69 -8.68
N LEU A 231 -18.43 17.23 -9.67
CA LEU A 231 -19.86 16.96 -9.80
C LEU A 231 -20.10 15.48 -10.13
N GLU A 232 -19.25 14.89 -10.98
CA GLU A 232 -19.43 13.49 -11.32
C GLU A 232 -19.23 12.59 -10.11
N ALA A 233 -18.25 12.91 -9.27
CA ALA A 233 -17.97 12.06 -8.11
C ALA A 233 -19.05 12.20 -7.03
N VAL A 234 -19.49 13.42 -6.76
CA VAL A 234 -20.46 13.64 -5.70
C VAL A 234 -21.84 13.12 -6.12
N LEU A 235 -22.25 13.42 -7.34
CA LEU A 235 -23.55 12.96 -7.81
C LEU A 235 -23.60 11.43 -7.91
N PHE A 236 -22.49 10.81 -8.30
CA PHE A 236 -22.43 9.35 -8.32
C PHE A 236 -22.58 8.78 -6.92
N ALA A 237 -21.91 9.39 -5.94
CA ALA A 237 -22.04 8.92 -4.56
C ALA A 237 -23.46 9.12 -4.04
N ALA A 238 -24.07 10.27 -4.32
CA ALA A 238 -25.43 10.52 -3.86
C ALA A 238 -26.41 9.52 -4.45
N GLU A 239 -26.24 9.18 -5.74
CA GLU A 239 -27.13 8.20 -6.36
C GLU A 239 -26.95 6.80 -5.79
N LEU A 240 -25.72 6.45 -5.41
CA LEU A 240 -25.49 5.14 -4.79
C LEU A 240 -25.97 5.08 -3.35
N MET A 241 -25.92 6.21 -2.63
CA MET A 241 -26.34 6.26 -1.24
C MET A 241 -27.81 6.62 -1.07
N GLY A 242 -28.48 7.04 -2.13
CA GLY A 242 -29.87 7.45 -2.02
C GLY A 242 -30.07 8.77 -1.32
N VAL A 243 -29.13 9.71 -1.49
CA VAL A 243 -29.17 11.01 -0.84
C VAL A 243 -29.57 12.05 -1.88
N ARG A 244 -30.51 12.91 -1.52
CA ARG A 244 -30.88 14.03 -2.38
C ARG A 244 -29.90 15.18 -2.20
N VAL A 245 -29.38 15.69 -3.31
CA VAL A 245 -28.40 16.77 -3.30
C VAL A 245 -28.83 17.83 -4.29
N ARG A 246 -28.68 19.09 -3.91
CA ARG A 246 -28.93 20.23 -4.77
C ARG A 246 -27.62 20.87 -5.19
N ILE A 247 -27.46 21.10 -6.49
CA ILE A 247 -26.21 21.61 -7.06
C ILE A 247 -26.47 22.99 -7.64
N ARG A 248 -25.57 23.93 -7.35
CA ARG A 248 -25.58 25.25 -7.96
C ARG A 248 -24.13 25.70 -8.16
N PHE A 249 -23.82 26.17 -9.36
CA PHE A 249 -22.48 26.64 -9.68
C PHE A 249 -22.55 28.03 -10.30
N LYS A 250 -21.49 28.81 -10.08
CA LYS A 250 -21.45 30.19 -10.53
C LYS A 250 -19.98 30.60 -10.59
N GLY A 251 -19.50 30.89 -11.79
CA GLY A 251 -18.10 31.25 -11.96
C GLY A 251 -17.18 30.10 -11.56
N ASP A 252 -16.37 30.33 -10.54
CA ASP A 252 -15.44 29.33 -10.02
C ASP A 252 -15.91 28.72 -8.71
N THR A 253 -17.16 28.97 -8.31
CA THR A 253 -17.70 28.48 -7.06
C THR A 253 -18.78 27.44 -7.32
N VAL A 254 -18.78 26.38 -6.53
CA VAL A 254 -19.80 25.33 -6.60
C VAL A 254 -20.44 25.20 -5.22
N THR A 255 -21.77 25.30 -5.18
CA THR A 255 -22.54 25.20 -3.95
C THR A 255 -23.29 23.88 -3.96
N ILE A 256 -23.07 23.06 -2.93
CA ILE A 256 -23.66 21.72 -2.83
C ILE A 256 -24.43 21.65 -1.52
N VAL A 257 -25.73 21.37 -1.63
CA VAL A 257 -26.61 21.21 -0.48
C VAL A 257 -26.98 19.74 -0.35
N VAL A 258 -26.68 19.16 0.81
CA VAL A 258 -26.91 17.74 1.07
C VAL A 258 -28.14 17.64 1.98
N ARG A 259 -29.27 17.23 1.41
CA ARG A 259 -30.49 17.05 2.16
C ARG A 259 -30.62 15.60 2.65
N GLU A 260 -31.23 15.44 3.82
CA GLU A 260 -31.46 14.10 4.35
C GLU A 260 -32.58 13.40 3.59
N ARG B 3 -0.63 -17.71 -15.25
CA ARG B 3 -1.64 -17.08 -14.39
C ARG B 3 -2.50 -16.10 -15.17
N LYS B 4 -1.88 -15.35 -16.08
CA LYS B 4 -2.63 -14.40 -16.89
C LYS B 4 -3.67 -15.12 -17.76
N LYS B 5 -3.32 -16.30 -18.27
CA LYS B 5 -4.28 -17.08 -19.04
C LYS B 5 -5.45 -17.52 -18.17
N GLU B 6 -5.15 -18.00 -16.96
CA GLU B 6 -6.22 -18.46 -16.07
C GLU B 6 -7.05 -17.29 -15.56
N LEU B 7 -6.41 -16.14 -15.30
CA LEU B 7 -7.17 -14.96 -14.90
C LEU B 7 -8.06 -14.45 -16.02
N ALA B 8 -7.54 -14.47 -17.26
CA ALA B 8 -8.35 -14.03 -18.40
C ALA B 8 -9.53 -14.95 -18.63
N LYS B 9 -9.36 -16.26 -18.40
CA LYS B 9 -10.47 -17.18 -18.55
C LYS B 9 -11.58 -16.90 -17.54
N GLU B 10 -11.21 -16.64 -16.29
CA GLU B 10 -12.21 -16.34 -15.27
C GLU B 10 -12.93 -15.04 -15.57
N VAL B 11 -12.23 -14.06 -16.17
CA VAL B 11 -12.89 -12.82 -16.56
C VAL B 11 -13.96 -13.06 -17.60
N ILE B 12 -13.64 -13.89 -18.61
CA ILE B 12 -14.61 -14.18 -19.67
C ILE B 12 -15.79 -14.97 -19.11
N GLU B 13 -15.50 -15.96 -18.26
CA GLU B 13 -16.57 -16.77 -17.69
C GLU B 13 -17.50 -15.95 -16.81
N THR B 14 -16.92 -15.14 -15.91
CA THR B 14 -17.73 -14.33 -15.00
C THR B 14 -18.53 -13.28 -15.76
N ALA B 15 -17.93 -12.68 -16.78
CA ALA B 15 -18.63 -11.65 -17.56
C ALA B 15 -19.80 -12.24 -18.34
N LYS B 16 -19.63 -13.46 -18.86
CA LYS B 16 -20.72 -14.10 -19.58
C LYS B 16 -21.89 -14.42 -18.66
N LYS B 17 -21.60 -14.80 -17.41
CA LYS B 17 -22.67 -15.04 -16.45
C LYS B 17 -23.33 -13.74 -16.01
N LEU B 18 -22.54 -12.68 -15.85
CA LEU B 18 -23.11 -11.39 -15.47
C LEU B 18 -24.01 -10.83 -16.56
N ILE B 19 -23.69 -11.07 -17.83
CA ILE B 19 -24.51 -10.56 -18.91
C ILE B 19 -25.85 -11.30 -18.97
N GLU B 20 -25.82 -12.63 -18.85
CA GLU B 20 -27.07 -13.38 -18.84
C GLU B 20 -27.89 -13.08 -17.59
N LYS B 21 -27.23 -12.67 -16.50
CA LYS B 21 -27.96 -12.25 -15.31
C LYS B 21 -28.72 -10.96 -15.57
N LEU B 22 -28.07 -9.98 -16.19
CA LEU B 22 -28.74 -8.73 -16.53
C LEU B 22 -29.77 -8.94 -17.63
N ALA B 23 -29.58 -9.96 -18.47
CA ALA B 23 -30.51 -10.20 -19.57
C ALA B 23 -31.84 -10.76 -19.05
N LYS B 24 -31.79 -11.64 -18.05
CA LYS B 24 -33.01 -12.24 -17.53
C LYS B 24 -33.80 -11.25 -16.69
N GLU B 25 -33.15 -10.60 -15.74
CA GLU B 25 -33.83 -9.65 -14.87
C GLU B 25 -34.21 -8.39 -15.64
N GLU B 26 -35.36 -7.82 -15.28
CA GLU B 26 -35.85 -6.61 -15.94
C GLU B 26 -36.08 -5.50 -14.91
N GLY C 3 39.32 -23.04 27.65
CA GLY C 3 39.68 -22.86 26.25
C GLY C 3 38.47 -22.89 25.32
N SER C 4 37.29 -23.05 25.91
CA SER C 4 36.06 -23.08 25.12
C SER C 4 35.76 -21.71 24.53
N MET C 5 35.53 -21.66 23.22
CA MET C 5 35.17 -20.41 22.57
C MET C 5 33.87 -19.85 23.14
N LYS C 6 32.86 -20.70 23.31
CA LYS C 6 31.57 -20.23 23.80
C LYS C 6 31.66 -19.68 25.21
N GLU C 7 32.57 -20.22 26.04
CA GLU C 7 32.73 -19.69 27.39
C GLU C 7 33.48 -18.37 27.40
N GLU C 8 34.42 -18.19 26.46
CA GLU C 8 35.09 -16.90 26.32
C GLU C 8 34.13 -15.82 25.84
N ILE C 9 33.14 -16.19 25.03
CA ILE C 9 32.13 -15.22 24.60
C ILE C 9 31.32 -14.74 25.80
N LYS C 10 30.94 -15.65 26.69
CA LYS C 10 30.17 -15.27 27.86
C LYS C 10 30.97 -14.35 28.77
N ARG C 11 32.29 -14.60 28.88
CA ARG C 11 33.12 -13.75 29.72
C ARG C 11 33.26 -12.35 29.12
N LEU C 12 33.50 -12.27 27.81
CA LEU C 12 33.62 -10.97 27.15
C LEU C 12 32.29 -10.23 27.15
N ALA C 13 31.19 -10.97 26.93
CA ALA C 13 29.87 -10.34 26.94
C ALA C 13 29.50 -9.85 28.33
N GLU C 14 29.63 -10.71 29.34
CA GLU C 14 29.29 -10.33 30.71
C GLU C 14 30.12 -9.14 31.19
N GLU C 15 31.33 -8.99 30.67
CA GLU C 15 32.15 -7.84 31.04
C GLU C 15 31.59 -6.55 30.44
N LEU C 16 31.15 -6.61 29.19
CA LEU C 16 30.53 -5.43 28.57
C LEU C 16 29.18 -5.10 29.20
N LYS C 17 28.44 -6.13 29.63
CA LYS C 17 27.17 -5.89 30.32
C LYS C 17 27.38 -5.09 31.60
N GLU C 18 28.48 -5.35 32.31
CA GLU C 18 28.82 -4.65 33.53
C GLU C 18 30.01 -3.74 33.27
N LYS C 19 29.78 -2.71 32.45
CA LYS C 19 30.85 -1.79 32.08
C LYS C 19 30.31 -0.39 31.81
N THR C 20 29.36 -0.30 30.88
CA THR C 20 28.75 0.97 30.50
C THR C 20 27.29 1.02 30.97
N LYS C 21 26.68 2.19 30.79
CA LYS C 21 25.29 2.39 31.15
C LYS C 21 24.35 2.35 29.96
N ASN C 22 24.87 2.08 28.76
CA ASN C 22 24.03 1.96 27.58
C ASN C 22 23.21 0.68 27.68
N GLU C 23 21.88 0.82 27.79
CA GLU C 23 21.03 -0.33 28.02
C GLU C 23 20.88 -1.20 26.78
N GLU C 24 20.93 -0.59 25.58
CA GLU C 24 20.85 -1.37 24.36
C GLU C 24 22.11 -2.21 24.17
N ILE C 25 23.27 -1.66 24.53
CA ILE C 25 24.51 -2.43 24.46
C ILE C 25 24.45 -3.64 25.39
N LYS C 26 23.83 -3.47 26.55
CA LYS C 26 23.65 -4.60 27.45
C LYS C 26 22.77 -5.68 26.83
N ARG C 27 21.72 -5.27 26.10
CA ARG C 27 20.86 -6.25 25.44
C ARG C 27 21.62 -6.96 24.31
N LEU C 28 22.36 -6.20 23.50
CA LEU C 28 23.07 -6.80 22.37
C LEU C 28 24.17 -7.75 22.86
N ALA C 29 24.83 -7.40 23.96
CA ALA C 29 25.82 -8.31 24.54
C ALA C 29 25.16 -9.60 25.02
N GLU C 30 23.97 -9.49 25.59
CA GLU C 30 23.23 -10.69 25.99
C GLU C 30 22.75 -11.47 24.77
N GLU C 31 22.34 -10.75 23.71
CA GLU C 31 21.83 -11.43 22.52
C GLU C 31 22.94 -12.18 21.79
N ALA C 32 24.11 -11.56 21.65
CA ALA C 32 25.21 -12.21 20.94
C ALA C 32 25.77 -13.39 21.72
N ALA C 33 25.69 -13.35 23.06
CA ALA C 33 26.23 -14.44 23.86
C ALA C 33 25.40 -15.70 23.73
N GLU C 34 24.07 -15.56 23.85
CA GLU C 34 23.19 -16.74 23.73
C GLU C 34 23.13 -17.25 22.31
N LEU C 35 23.26 -16.36 21.31
CA LEU C 35 23.29 -16.81 19.93
C LEU C 35 24.54 -17.62 19.63
N ALA C 36 25.67 -17.23 20.22
CA ALA C 36 26.91 -17.96 20.01
C ALA C 36 26.86 -19.35 20.64
N GLU C 37 26.21 -19.48 21.80
CA GLU C 37 26.07 -20.78 22.43
C GLU C 37 25.24 -21.74 21.58
N ARG C 38 24.30 -21.22 20.79
CA ARG C 38 23.50 -22.05 19.92
C ARG C 38 24.18 -22.38 18.60
N SER C 39 25.22 -21.63 18.22
CA SER C 39 25.91 -21.84 16.96
C SER C 39 26.96 -22.93 17.08
N ASP C 40 27.13 -23.68 16.00
CA ASP C 40 28.08 -24.79 15.96
C ASP C 40 29.22 -24.54 14.98
N ASP C 41 29.34 -23.33 14.44
CA ASP C 41 30.37 -23.01 13.47
C ASP C 41 31.56 -22.37 14.18
N PRO C 42 32.75 -22.95 14.09
CA PRO C 42 33.91 -22.31 14.75
C PRO C 42 34.23 -20.94 14.18
N GLU C 43 33.94 -20.69 12.90
CA GLU C 43 34.20 -19.37 12.32
C GLU C 43 33.19 -18.33 12.78
N VAL C 44 31.95 -18.74 13.05
CA VAL C 44 30.98 -17.80 13.59
C VAL C 44 31.39 -17.34 14.99
N LEU C 45 31.91 -18.26 15.80
CA LEU C 45 32.37 -17.90 17.13
C LEU C 45 33.58 -16.98 17.08
N GLU C 46 34.43 -17.11 16.06
CA GLU C 46 35.58 -16.24 15.93
C GLU C 46 35.15 -14.80 15.64
N VAL C 47 34.13 -14.63 14.81
CA VAL C 47 33.63 -13.29 14.51
C VAL C 47 33.01 -12.66 15.75
N VAL C 48 32.23 -13.44 16.51
CA VAL C 48 31.60 -12.92 17.72
C VAL C 48 32.66 -12.56 18.75
N LYS C 49 33.75 -13.33 18.82
CA LYS C 49 34.82 -13.01 19.75
C LYS C 49 35.56 -11.75 19.32
N LYS C 50 35.84 -11.61 18.02
CA LYS C 50 36.55 -10.44 17.54
C LYS C 50 35.76 -9.17 17.78
N ALA C 51 34.44 -9.22 17.59
CA ALA C 51 33.62 -8.04 17.80
C ALA C 51 33.52 -7.68 19.28
N LEU C 52 33.43 -8.68 20.16
CA LEU C 52 33.29 -8.41 21.58
C LEU C 52 34.58 -7.85 22.18
N GLU C 53 35.73 -8.32 21.70
CA GLU C 53 37.00 -7.83 22.23
C GLU C 53 37.37 -6.46 21.65
N GLU C 54 36.90 -6.15 20.44
CA GLU C 54 37.15 -4.83 19.88
C GLU C 54 36.20 -3.79 20.45
N ALA C 55 34.99 -4.20 20.84
CA ALA C 55 34.07 -3.27 21.50
C ALA C 55 34.56 -2.89 22.89
N LEU C 56 35.28 -3.79 23.56
CA LEU C 56 35.84 -3.51 24.87
C LEU C 56 37.01 -2.55 24.84
N LYS C 57 37.60 -2.31 23.66
CA LYS C 57 38.77 -1.45 23.56
C LYS C 57 38.43 0.03 23.43
N SER C 58 37.22 0.36 22.95
CA SER C 58 36.82 1.74 22.75
C SER C 58 35.64 2.07 23.65
N LYS C 59 35.35 3.37 23.77
CA LYS C 59 34.22 3.86 24.54
C LYS C 59 33.10 4.42 23.68
N ASN C 60 33.32 4.57 22.37
CA ASN C 60 32.28 5.09 21.48
C ASN C 60 31.12 4.11 21.41
N GLU C 61 30.05 4.39 22.15
CA GLU C 61 28.92 3.47 22.24
C GLU C 61 28.22 3.27 20.90
N GLU C 62 28.32 4.24 19.99
CA GLU C 62 27.73 4.07 18.66
C GLU C 62 28.48 3.00 17.88
N LYS C 63 29.81 3.01 17.94
CA LYS C 63 30.59 1.97 17.27
C LYS C 63 30.41 0.63 17.95
N ILE C 64 30.32 0.62 19.29
CA ILE C 64 30.13 -0.63 20.03
C ILE C 64 28.82 -1.29 19.63
N GLU C 65 27.76 -0.48 19.48
CA GLU C 65 26.48 -1.03 19.04
C GLU C 65 26.61 -1.64 17.64
N LEU C 66 27.34 -0.98 16.74
CA LEU C 66 27.50 -1.51 15.40
C LEU C 66 28.32 -2.80 15.40
N LEU C 67 29.33 -2.88 16.27
CA LEU C 67 30.12 -4.10 16.37
C LEU C 67 29.27 -5.26 16.88
N LEU C 68 28.38 -4.98 17.84
CA LEU C 68 27.52 -6.03 18.37
C LEU C 68 26.48 -6.47 17.34
N LEU C 69 25.99 -5.53 16.52
CA LEU C 69 25.05 -5.90 15.47
C LEU C 69 25.69 -6.79 14.43
N VAL C 70 27.00 -6.68 14.22
CA VAL C 70 27.70 -7.57 13.31
C VAL C 70 27.69 -8.99 13.87
N ALA C 71 28.02 -9.14 15.15
CA ALA C 71 28.08 -10.47 15.75
C ALA C 71 26.71 -11.12 15.79
N VAL C 72 25.66 -10.35 16.05
CA VAL C 72 24.31 -10.90 16.09
C VAL C 72 23.89 -11.40 14.71
N LEU C 73 24.15 -10.61 13.68
CA LEU C 73 23.77 -11.01 12.33
C LEU C 73 24.54 -12.25 11.88
N VAL C 74 25.82 -12.33 12.21
CA VAL C 74 26.61 -13.51 11.85
C VAL C 74 26.12 -14.74 12.62
N ALA C 75 25.83 -14.57 13.91
CA ALA C 75 25.34 -15.69 14.71
C ALA C 75 23.94 -16.13 14.28
N GLU C 76 23.12 -15.19 13.78
CA GLU C 76 21.82 -15.56 13.25
C GLU C 76 21.95 -16.30 11.92
N ALA C 77 22.85 -15.83 11.05
CA ALA C 77 23.03 -16.47 9.76
C ALA C 77 23.81 -17.78 9.90
N GLY C 78 24.70 -17.87 10.88
CA GLY C 78 25.50 -19.06 11.07
C GLY C 78 24.90 -20.03 12.06
N SER C 79 23.58 -20.13 12.07
CA SER C 79 22.90 -21.08 12.94
C SER C 79 22.99 -22.50 12.36
N VAL C 80 22.52 -23.46 13.14
CA VAL C 80 22.55 -24.85 12.71
C VAL C 80 21.61 -25.10 11.53
N ASP C 81 20.68 -24.19 11.27
CA ASP C 81 19.79 -24.32 10.11
C ASP C 81 20.51 -23.89 8.84
N ALA C 82 20.92 -22.62 8.78
CA ALA C 82 21.69 -22.07 7.66
C ALA C 82 20.96 -22.22 6.33
N VAL C 83 20.05 -21.29 6.04
CA VAL C 83 19.35 -21.28 4.76
C VAL C 83 20.14 -20.39 3.80
N GLU C 84 20.07 -20.74 2.51
CA GLU C 84 20.86 -20.01 1.52
C GLU C 84 20.38 -18.56 1.37
N GLU C 85 19.06 -18.34 1.43
CA GLU C 85 18.55 -16.99 1.31
C GLU C 85 18.94 -16.12 2.49
N LYS C 86 19.04 -16.71 3.69
CA LYS C 86 19.42 -15.92 4.86
C LYS C 86 20.88 -15.50 4.79
N LEU C 87 21.75 -16.38 4.28
CA LEU C 87 23.15 -16.00 4.11
C LEU C 87 23.32 -14.97 3.01
N GLU C 88 22.44 -14.96 2.01
CA GLU C 88 22.49 -13.93 0.99
C GLU C 88 22.16 -12.56 1.57
N ILE C 89 21.14 -12.47 2.41
CA ILE C 89 20.78 -11.21 3.03
C ILE C 89 21.88 -10.74 3.96
N ALA C 90 22.44 -11.66 4.76
CA ALA C 90 23.51 -11.29 5.67
C ALA C 90 24.74 -10.79 4.91
N LEU C 91 25.04 -11.41 3.77
CA LEU C 91 26.19 -10.97 2.99
C LEU C 91 25.96 -9.59 2.38
N LEU C 92 24.75 -9.35 1.87
CA LEU C 92 24.44 -8.03 1.30
C LEU C 92 24.51 -6.94 2.36
N ALA C 93 24.01 -7.21 3.57
CA ALA C 93 23.99 -6.19 4.60
C ALA C 93 25.39 -5.91 5.13
N LEU C 94 26.22 -6.94 5.26
CA LEU C 94 27.59 -6.74 5.72
C LEU C 94 28.43 -5.97 4.71
N LYS C 95 28.16 -6.18 3.42
CA LYS C 95 28.88 -5.44 2.38
C LYS C 95 28.38 -4.01 2.27
N LEU C 96 27.07 -3.80 2.38
CA LEU C 96 26.53 -2.45 2.34
C LEU C 96 27.05 -1.61 3.50
N ALA C 97 27.11 -2.19 4.70
CA ALA C 97 27.63 -1.47 5.86
C ALA C 97 29.13 -1.27 5.78
N GLU C 98 29.84 -2.09 5.02
CA GLU C 98 31.28 -1.94 4.89
C GLU C 98 31.65 -0.80 3.94
N GLU C 99 30.80 -0.52 2.95
CA GLU C 99 31.06 0.53 1.98
C GLU C 99 30.52 1.90 2.41
N SER C 100 29.73 1.95 3.47
CA SER C 100 29.09 3.18 3.90
C SER C 100 29.87 3.85 5.03
N LYS C 101 29.60 5.13 5.22
CA LYS C 101 30.21 5.91 6.29
C LYS C 101 29.21 6.49 7.28
N ASP C 102 27.94 6.62 6.90
CA ASP C 102 26.92 7.08 7.83
C ASP C 102 26.59 5.98 8.83
N PRO C 103 26.69 6.22 10.14
CA PRO C 103 26.34 5.17 11.10
C PRO C 103 24.88 4.73 11.00
N ARG C 104 23.98 5.62 10.58
CA ARG C 104 22.59 5.24 10.42
C ARG C 104 22.41 4.24 9.28
N ILE C 105 23.18 4.40 8.21
CA ILE C 105 23.14 3.42 7.12
C ILE C 105 23.69 2.08 7.59
N ILE C 106 24.77 2.11 8.37
CA ILE C 106 25.35 0.87 8.90
C ILE C 106 24.38 0.19 9.84
N ARG C 107 23.79 0.97 10.77
CA ARG C 107 22.82 0.39 11.69
C ARG C 107 21.57 -0.09 10.96
N GLY C 108 21.09 0.70 10.00
CA GLY C 108 19.89 0.32 9.27
C GLY C 108 20.08 -0.95 8.46
N ALA C 109 21.26 -1.13 7.87
CA ALA C 109 21.50 -2.31 7.06
C ALA C 109 21.59 -3.57 7.91
N LEU C 110 22.26 -3.49 9.06
CA LEU C 110 22.42 -4.68 9.90
C LEU C 110 21.11 -5.05 10.58
N ARG C 111 20.38 -4.07 11.12
CA ARG C 111 19.13 -4.36 11.80
C ARG C 111 18.07 -4.88 10.85
N ALA C 112 18.08 -4.42 9.59
CA ALA C 112 17.10 -4.93 8.62
C ALA C 112 17.37 -6.40 8.30
N ALA C 113 18.64 -6.78 8.21
CA ALA C 113 18.97 -8.18 7.93
C ALA C 113 18.66 -9.07 9.14
N ILE C 114 18.92 -8.57 10.35
CA ILE C 114 18.61 -9.33 11.55
C ILE C 114 17.12 -9.60 11.65
N ALA C 115 16.30 -8.55 11.44
CA ALA C 115 14.85 -8.72 11.55
C ALA C 115 14.31 -9.63 10.46
N ALA C 116 14.90 -9.60 9.26
CA ALA C 116 14.44 -10.48 8.20
C ALA C 116 14.76 -11.94 8.50
N LEU C 117 15.97 -12.20 9.01
CA LEU C 117 16.37 -13.58 9.31
C LEU C 117 15.53 -14.17 10.43
N ARG C 118 15.11 -13.34 11.39
CA ARG C 118 14.25 -13.83 12.47
C ARG C 118 12.80 -13.94 12.05
N SER C 119 12.41 -13.33 10.93
CA SER C 119 11.03 -13.39 10.48
C SER C 119 10.65 -14.76 9.94
N ASP C 120 11.59 -15.44 9.27
CA ASP C 120 11.34 -16.74 8.66
C ASP C 120 10.17 -16.68 7.67
N ASP C 121 10.06 -15.55 6.95
CA ASP C 121 9.00 -15.34 5.99
C ASP C 121 9.60 -15.08 4.62
N PRO C 122 9.23 -15.84 3.59
CA PRO C 122 9.84 -15.62 2.26
C PRO C 122 9.59 -14.24 1.69
N LEU C 123 8.41 -13.67 1.92
CA LEU C 123 8.13 -12.33 1.40
C LEU C 123 9.01 -11.28 2.08
N ALA C 124 9.19 -11.40 3.40
CA ALA C 124 10.12 -10.51 4.09
C ALA C 124 11.55 -10.79 3.67
N LEU C 125 11.89 -12.06 3.44
CA LEU C 125 13.23 -12.41 2.97
C LEU C 125 13.49 -11.80 1.60
N LYS C 126 12.49 -11.81 0.72
CA LYS C 126 12.69 -11.29 -0.63
C LYS C 126 12.67 -9.76 -0.65
N THR C 127 11.79 -9.15 0.13
CA THR C 127 11.70 -7.68 0.14
C THR C 127 12.96 -7.05 0.69
N VAL C 128 13.46 -7.56 1.82
CA VAL C 128 14.67 -7.01 2.42
C VAL C 128 15.87 -7.27 1.52
N LYS C 129 15.91 -8.43 0.87
CA LYS C 129 16.99 -8.73 -0.06
C LYS C 129 17.00 -7.75 -1.22
N GLU C 130 15.84 -7.51 -1.84
CA GLU C 130 15.76 -6.56 -2.93
C GLU C 130 15.99 -5.13 -2.44
N ALA C 131 15.65 -4.84 -1.19
CA ALA C 131 15.89 -3.51 -0.65
C ALA C 131 17.36 -3.25 -0.45
N LEU C 132 18.11 -4.25 0.05
CA LEU C 132 19.54 -4.09 0.23
C LEU C 132 20.27 -3.97 -1.11
N GLU C 133 19.79 -4.66 -2.14
CA GLU C 133 20.41 -4.54 -3.47
C GLU C 133 20.22 -3.15 -4.04
N ARG C 134 19.03 -2.57 -3.86
CA ARG C 134 18.81 -1.20 -4.34
C ARG C 134 19.64 -0.20 -3.55
N ALA C 135 19.82 -0.45 -2.24
CA ALA C 135 20.62 0.45 -1.42
C ALA C 135 22.09 0.42 -1.84
N ARG C 136 22.59 -0.76 -2.20
CA ARG C 136 23.96 -0.86 -2.71
C ARG C 136 24.09 -0.24 -4.09
N ALA C 137 23.02 -0.29 -4.89
CA ALA C 137 23.08 0.22 -6.25
C ALA C 137 22.72 1.69 -6.29
N SER C 138 23.11 2.44 -5.27
CA SER C 138 22.78 3.85 -5.17
C SER C 138 23.80 4.56 -4.29
N LYS C 139 23.92 5.87 -4.52
CA LYS C 139 24.78 6.73 -3.71
C LYS C 139 24.00 7.85 -3.02
N ASP C 140 22.70 7.93 -3.22
CA ASP C 140 21.85 8.90 -2.53
C ASP C 140 21.61 8.38 -1.12
N GLU C 141 22.30 8.97 -0.14
CA GLU C 141 22.18 8.50 1.24
C GLU C 141 20.77 8.68 1.78
N ARG C 142 20.06 9.72 1.35
CA ARG C 142 18.68 9.90 1.81
C ARG C 142 17.78 8.79 1.29
N LEU C 143 17.99 8.36 0.04
CA LEU C 143 17.23 7.24 -0.50
C LEU C 143 17.59 5.94 0.20
N ILE C 144 18.88 5.74 0.47
CA ILE C 144 19.33 4.52 1.14
C ILE C 144 18.75 4.42 2.54
N ARG C 145 18.75 5.53 3.28
CA ARG C 145 18.19 5.53 4.62
C ARG C 145 16.69 5.25 4.59
N ALA C 146 15.99 5.77 3.60
CA ALA C 146 14.55 5.52 3.49
C ALA C 146 14.27 4.06 3.13
N ILE C 147 15.11 3.46 2.29
CA ILE C 147 14.93 2.06 1.92
C ILE C 147 15.18 1.15 3.12
N LEU C 148 16.22 1.44 3.90
CA LEU C 148 16.53 0.61 5.06
C LEU C 148 15.45 0.73 6.13
N ALA C 149 14.87 1.93 6.30
CA ALA C 149 13.80 2.10 7.27
C ALA C 149 12.53 1.37 6.86
N ALA C 150 12.24 1.35 5.55
CA ALA C 150 11.07 0.63 5.07
C ALA C 150 11.27 -0.88 5.15
N ALA C 151 12.51 -1.34 4.91
CA ALA C 151 12.78 -2.77 4.98
C ALA C 151 12.79 -3.28 6.41
N TYR C 152 13.24 -2.45 7.37
CA TYR C 152 13.23 -2.87 8.76
C TYR C 152 11.81 -2.94 9.31
N ALA C 153 10.97 -1.96 8.98
CA ALA C 153 9.59 -1.98 9.45
C ALA C 153 8.81 -3.13 8.84
N PHE C 154 9.03 -3.43 7.56
CA PHE C 154 8.33 -4.53 6.91
C PHE C 154 8.73 -5.86 7.54
N ALA C 155 10.02 -6.05 7.81
CA ALA C 155 10.49 -7.28 8.44
C ALA C 155 9.90 -7.45 9.84
N LEU C 156 9.75 -6.34 10.57
CA LEU C 156 9.16 -6.43 11.91
C LEU C 156 7.70 -6.86 11.87
N LEU C 157 6.99 -6.50 10.81
CA LEU C 157 5.62 -7.01 10.63
C LEU C 157 5.61 -8.53 10.52
N ALA C 158 6.59 -9.09 9.81
CA ALA C 158 6.65 -10.54 9.66
C ALA C 158 7.11 -11.20 10.96
N VAL C 159 8.03 -10.56 11.69
CA VAL C 159 8.43 -11.07 13.00
C VAL C 159 7.24 -11.07 13.96
N ALA C 160 6.41 -10.03 13.90
CA ALA C 160 5.24 -9.93 14.75
C ALA C 160 4.11 -10.87 14.33
N GLY C 161 4.30 -11.64 13.27
CA GLY C 161 3.31 -12.61 12.87
C GLY C 161 2.15 -12.07 12.07
N ALA C 162 2.38 -11.07 11.22
CA ALA C 162 1.32 -10.55 10.37
C ALA C 162 0.90 -11.61 9.35
N SER C 163 -0.39 -11.60 9.01
CA SER C 163 -0.92 -12.57 8.07
C SER C 163 -0.37 -12.31 6.67
N ALA C 164 -0.55 -13.32 5.80
CA ALA C 164 -0.04 -13.20 4.44
C ALA C 164 -0.78 -12.11 3.66
N GLU C 165 -2.09 -11.99 3.86
CA GLU C 165 -2.86 -10.99 3.13
C GLU C 165 -2.49 -9.58 3.58
N ARG C 166 -2.27 -9.39 4.88
CA ARG C 166 -1.88 -8.07 5.38
C ARG C 166 -0.44 -7.75 5.02
N LEU C 167 0.42 -8.77 4.91
CA LEU C 167 1.82 -8.52 4.58
C LEU C 167 2.00 -8.18 3.11
N LYS C 168 1.22 -8.81 2.22
CA LYS C 168 1.27 -8.44 0.81
C LYS C 168 0.77 -7.02 0.59
N GLU C 169 -0.29 -6.63 1.28
CA GLU C 169 -0.78 -5.26 1.19
C GLU C 169 0.25 -4.28 1.73
N ALA C 170 0.93 -4.64 2.82
CA ALA C 170 1.98 -3.80 3.35
C ALA C 170 3.17 -3.72 2.40
N GLU C 171 3.40 -4.77 1.61
CA GLU C 171 4.49 -4.75 0.65
C GLU C 171 4.23 -3.76 -0.48
N ALA C 172 2.95 -3.50 -0.79
CA ALA C 172 2.63 -2.47 -1.78
C ALA C 172 2.98 -1.08 -1.27
N ILE C 173 2.97 -0.88 0.04
CA ILE C 173 3.37 0.40 0.62
C ILE C 173 4.89 0.53 0.60
N VAL C 174 5.62 -0.58 0.72
CA VAL C 174 7.07 -0.54 0.58
C VAL C 174 7.46 -0.01 -0.79
N LYS C 175 6.84 -0.55 -1.84
CA LYS C 175 7.13 -0.08 -3.20
C LYS C 175 6.72 1.38 -3.36
N GLU C 176 5.56 1.75 -2.80
CA GLU C 176 5.15 3.15 -2.86
C GLU C 176 6.13 4.05 -2.12
N LEU C 177 6.71 3.55 -1.02
CA LEU C 177 7.69 4.34 -0.27
C LEU C 177 8.98 4.50 -1.06
N ILE C 178 9.47 3.42 -1.67
CA ILE C 178 10.71 3.48 -2.44
C ILE C 178 10.53 4.40 -3.64
N ALA C 179 9.39 4.28 -4.34
CA ALA C 179 9.15 5.11 -5.52
C ALA C 179 9.03 6.58 -5.14
N ALA C 180 8.34 6.88 -4.05
CA ALA C 180 8.22 8.27 -3.60
C ALA C 180 9.59 8.84 -3.21
N ALA C 181 10.42 8.02 -2.57
CA ALA C 181 11.75 8.49 -2.16
C ALA C 181 12.63 8.75 -3.37
N GLU C 182 12.45 8.00 -4.46
CA GLU C 182 13.25 8.21 -5.66
C GLU C 182 12.83 9.47 -6.41
N LYS C 183 11.64 9.99 -6.15
CA LYS C 183 11.17 11.22 -6.78
C LYS C 183 11.43 12.46 -5.95
N GLY C 184 11.98 12.32 -4.75
CA GLY C 184 12.31 13.43 -3.91
C GLY C 184 11.31 13.78 -2.84
N ALA C 185 10.55 12.80 -2.35
CA ALA C 185 9.60 13.08 -1.27
C ALA C 185 10.33 13.49 0.00
N SER C 186 9.69 14.34 0.78
CA SER C 186 10.29 14.82 2.01
C SER C 186 10.42 13.69 3.02
N PRO C 187 11.40 13.75 3.92
CA PRO C 187 11.51 12.73 4.97
C PRO C 187 10.29 12.67 5.87
N GLN C 188 9.52 13.74 5.96
CA GLN C 188 8.28 13.70 6.73
C GLN C 188 7.24 12.82 6.04
N GLU C 189 7.14 12.91 4.71
CA GLU C 189 6.19 12.07 3.98
C GLU C 189 6.63 10.61 4.00
N LEU C 190 7.94 10.35 3.99
CA LEU C 190 8.43 8.97 4.01
C LEU C 190 8.14 8.33 5.36
N VAL C 191 8.27 9.08 6.45
CA VAL C 191 7.95 8.54 7.78
C VAL C 191 6.46 8.26 7.88
N LEU C 192 5.63 9.09 7.24
CA LEU C 192 4.19 8.84 7.21
C LEU C 192 3.88 7.54 6.48
N LEU C 193 4.64 7.19 5.45
CA LEU C 193 4.42 5.96 4.73
C LEU C 193 4.82 4.74 5.57
N VAL C 194 5.80 4.91 6.47
CA VAL C 194 6.13 3.83 7.40
C VAL C 194 4.97 3.59 8.36
N ILE C 195 4.36 4.67 8.86
CA ILE C 195 3.20 4.53 9.73
C ILE C 195 2.07 3.83 9.01
N GLU C 196 1.82 4.20 7.75
CA GLU C 196 0.77 3.55 6.97
C GLU C 196 1.08 2.08 6.74
N MET C 197 2.35 1.75 6.51
CA MET C 197 2.75 0.37 6.30
C MET C 197 2.45 -0.49 7.52
N MET C 198 2.76 0.02 8.71
CA MET C 198 2.51 -0.73 9.93
C MET C 198 1.01 -0.88 10.19
N VAL C 199 0.25 0.19 9.94
CA VAL C 199 -1.20 0.13 10.16
C VAL C 199 -1.83 -0.90 9.23
N LYS C 200 -1.37 -0.97 7.98
CA LYS C 200 -1.92 -1.94 7.03
C LYS C 200 -1.54 -3.36 7.42
N GLY C 201 -0.27 -3.58 7.78
CA GLY C 201 0.18 -4.91 8.11
C GLY C 201 -0.44 -5.49 9.37
N MET C 202 -0.95 -4.64 10.26
CA MET C 202 -1.56 -5.09 11.51
C MET C 202 -3.08 -5.06 11.46
N GLY C 203 -3.67 -4.64 10.35
CA GLY C 203 -5.11 -4.71 10.19
C GLY C 203 -5.91 -3.77 11.07
N VAL C 204 -5.39 -2.58 11.35
CA VAL C 204 -6.09 -1.61 12.17
C VAL C 204 -6.43 -0.39 11.34
N THR C 205 -6.97 0.65 11.98
CA THR C 205 -7.42 1.85 11.29
C THR C 205 -6.64 3.06 11.78
N MET C 206 -6.61 4.10 10.94
CA MET C 206 -5.86 5.31 11.23
C MET C 206 -6.63 6.52 10.71
N GLU C 207 -6.49 7.64 11.43
CA GLU C 207 -7.04 8.92 11.02
C GLU C 207 -5.90 9.93 10.94
N THR C 208 -5.92 10.77 9.91
CA THR C 208 -4.86 11.74 9.66
C THR C 208 -5.44 13.14 9.72
N HIS C 209 -4.79 14.02 10.48
CA HIS C 209 -5.21 15.41 10.64
C HIS C 209 -4.02 16.31 10.38
N ARG C 210 -4.02 16.99 9.23
CA ARG C 210 -2.93 17.85 8.82
C ARG C 210 -3.25 19.29 9.21
N SER C 211 -2.37 19.90 10.01
CA SER C 211 -2.57 21.26 10.48
C SER C 211 -1.23 21.87 10.87
N GLY C 212 -1.00 23.10 10.44
CA GLY C 212 0.26 23.76 10.76
C GLY C 212 1.44 23.08 10.08
N ASN C 213 2.52 22.90 10.84
CA ASN C 213 3.69 22.18 10.37
C ASN C 213 3.74 20.76 10.93
N GLU C 214 2.60 20.20 11.31
CA GLU C 214 2.52 18.88 11.91
C GLU C 214 1.49 18.03 11.18
N VAL C 215 1.62 16.71 11.34
CA VAL C 215 0.67 15.75 10.81
C VAL C 215 0.35 14.77 11.93
N LYS C 216 -0.88 14.79 12.42
CA LYS C 216 -1.29 13.93 13.52
C LYS C 216 -1.95 12.67 12.96
N VAL C 217 -1.54 11.52 13.48
CA VAL C 217 -2.10 10.23 13.11
C VAL C 217 -2.62 9.55 14.36
N VAL C 218 -3.88 9.13 14.34
CA VAL C 218 -4.52 8.44 15.45
C VAL C 218 -4.83 7.02 15.01
N ILE C 219 -4.27 6.04 15.72
CA ILE C 219 -4.40 4.63 15.38
C ILE C 219 -5.12 3.93 16.52
N LYS C 220 -6.23 3.26 16.21
CA LYS C 220 -7.08 2.62 17.20
C LYS C 220 -7.10 1.11 16.99
N GLY C 221 -7.24 0.38 18.10
CA GLY C 221 -7.39 -1.06 18.05
C GLY C 221 -6.09 -1.83 18.10
N LEU C 222 -5.12 -1.33 18.84
CA LEU C 222 -3.80 -1.97 18.97
C LEU C 222 -3.66 -2.58 20.35
N HIS C 223 -3.28 -3.85 20.40
CA HIS C 223 -2.99 -4.49 21.67
C HIS C 223 -1.54 -4.21 22.06
N GLU C 224 -1.08 -4.82 23.15
CA GLU C 224 0.20 -4.46 23.75
C GLU C 224 1.36 -4.74 22.80
N SER C 225 1.43 -5.96 22.25
CA SER C 225 2.56 -6.31 21.41
C SER C 225 2.55 -5.57 20.08
N GLN C 226 1.38 -5.16 19.61
CA GLN C 226 1.32 -4.38 18.37
C GLN C 226 1.85 -2.96 18.57
N GLN C 227 1.57 -2.36 19.74
CA GLN C 227 2.07 -1.03 20.01
C GLN C 227 3.59 -1.01 20.10
N GLU C 228 4.19 -2.08 20.64
CA GLU C 228 5.64 -2.17 20.72
C GLU C 228 6.27 -2.26 19.34
N VAL C 229 5.69 -3.09 18.46
CA VAL C 229 6.23 -3.24 17.11
C VAL C 229 6.03 -1.94 16.32
N LEU C 230 4.85 -1.32 16.44
CA LEU C 230 4.59 -0.08 15.73
C LEU C 230 5.56 1.01 16.18
N LEU C 231 5.72 1.19 17.49
CA LEU C 231 6.59 2.25 17.99
C LEU C 231 8.05 1.99 17.63
N GLU C 232 8.49 0.74 17.69
CA GLU C 232 9.86 0.42 17.33
C GLU C 232 10.14 0.73 15.87
N ALA C 233 9.18 0.45 14.98
CA ALA C 233 9.39 0.68 13.56
C ALA C 233 9.36 2.16 13.22
N VAL C 234 8.39 2.90 13.76
CA VAL C 234 8.25 4.32 13.43
C VAL C 234 9.40 5.13 14.02
N LEU C 235 9.75 4.86 15.27
CA LEU C 235 10.86 5.58 15.90
C LEU C 235 12.18 5.29 15.18
N PHE C 236 12.39 4.04 14.78
CA PHE C 236 13.59 3.70 14.02
C PHE C 236 13.60 4.42 12.68
N ALA C 237 12.44 4.57 12.05
CA ALA C 237 12.36 5.28 10.78
C ALA C 237 12.62 6.77 10.96
N ALA C 238 12.04 7.37 12.00
CA ALA C 238 12.26 8.80 12.25
C ALA C 238 13.73 9.09 12.54
N GLU C 239 14.41 8.17 13.23
CA GLU C 239 15.83 8.37 13.53
C GLU C 239 16.70 8.25 12.28
N LEU C 240 16.33 7.36 11.35
CA LEU C 240 17.10 7.22 10.13
C LEU C 240 16.87 8.37 9.16
N MET C 241 15.70 9.00 9.22
CA MET C 241 15.35 10.09 8.30
C MET C 241 15.56 11.47 8.91
N GLY C 242 15.91 11.54 10.19
CA GLY C 242 16.08 12.83 10.85
C GLY C 242 14.80 13.62 11.00
N VAL C 243 13.71 12.95 11.37
CA VAL C 243 12.40 13.58 11.54
C VAL C 243 12.01 13.53 13.00
N ARG C 244 11.51 14.64 13.51
CA ARG C 244 11.02 14.69 14.88
C ARG C 244 9.60 14.15 14.95
N VAL C 245 9.36 13.24 15.90
CA VAL C 245 8.07 12.58 16.08
C VAL C 245 7.70 12.62 17.55
N ARG C 246 6.43 12.88 17.83
CA ARG C 246 5.90 12.82 19.19
C ARG C 246 4.94 11.65 19.31
N ILE C 247 5.16 10.81 20.32
CA ILE C 247 4.40 9.58 20.52
C ILE C 247 3.55 9.73 21.78
N ARG C 248 2.26 9.42 21.65
CA ARG C 248 1.35 9.35 22.79
C ARG C 248 0.48 8.11 22.63
N PHE C 249 0.40 7.31 23.69
CA PHE C 249 -0.46 6.14 23.69
C PHE C 249 -1.36 6.14 24.91
N LYS C 250 -2.57 5.63 24.72
CA LYS C 250 -3.60 5.62 25.77
C LYS C 250 -4.51 4.43 25.49
N GLY C 251 -4.41 3.40 26.34
CA GLY C 251 -5.20 2.20 26.12
C GLY C 251 -4.79 1.50 24.84
N ASP C 252 -5.75 1.30 23.94
CA ASP C 252 -5.50 0.65 22.66
C ASP C 252 -5.25 1.65 21.53
N THR C 253 -5.09 2.93 21.86
CA THR C 253 -4.93 3.98 20.86
C THR C 253 -3.53 4.58 20.95
N VAL C 254 -2.91 4.80 19.78
CA VAL C 254 -1.59 5.39 19.68
C VAL C 254 -1.69 6.64 18.81
N THR C 255 -1.17 7.76 19.32
CA THR C 255 -1.18 9.03 18.61
C THR C 255 0.25 9.40 18.22
N ILE C 256 0.46 9.68 16.94
CA ILE C 256 1.78 9.97 16.40
C ILE C 256 1.71 11.29 15.65
N VAL C 257 2.49 12.27 16.09
CA VAL C 257 2.58 13.58 15.44
C VAL C 257 3.93 13.68 14.77
N VAL C 258 3.93 13.89 13.46
CA VAL C 258 5.14 13.98 12.66
C VAL C 258 5.44 15.46 12.40
N ARG C 259 6.63 15.90 12.78
CA ARG C 259 7.01 17.31 12.66
C ARG C 259 8.21 17.48 11.75
N GLU C 260 9.14 18.34 12.16
CA GLU C 260 10.35 18.63 11.38
C GLU C 260 10.00 19.16 9.99
N ARG D 3 26.37 -24.18 -2.39
CA ARG D 3 26.87 -22.80 -2.35
C ARG D 3 26.79 -22.24 -0.94
N LYS D 4 26.05 -22.93 -0.09
CA LYS D 4 25.94 -22.49 1.30
C LYS D 4 27.31 -22.50 1.98
N LYS D 5 28.18 -23.44 1.60
CA LYS D 5 29.55 -23.42 2.12
C LYS D 5 30.30 -22.19 1.62
N GLU D 6 30.09 -21.84 0.35
CA GLU D 6 30.75 -20.67 -0.23
C GLU D 6 30.25 -19.38 0.40
N LEU D 7 28.92 -19.25 0.53
CA LEU D 7 28.36 -18.02 1.08
C LEU D 7 28.79 -17.80 2.53
N ALA D 8 28.92 -18.87 3.29
CA ALA D 8 29.32 -18.73 4.70
C ALA D 8 30.72 -18.15 4.82
N LYS D 9 31.63 -18.54 3.93
CA LYS D 9 32.99 -18.04 4.01
C LYS D 9 33.06 -16.56 3.64
N GLU D 10 32.29 -16.13 2.63
CA GLU D 10 32.31 -14.72 2.26
C GLU D 10 31.59 -13.86 3.30
N VAL D 11 30.60 -14.42 3.99
CA VAL D 11 29.96 -13.70 5.09
C VAL D 11 30.96 -13.51 6.23
N ILE D 12 31.74 -14.53 6.56
CA ILE D 12 32.71 -14.42 7.64
C ILE D 12 33.80 -13.41 7.29
N GLU D 13 34.30 -13.45 6.05
CA GLU D 13 35.40 -12.56 5.69
C GLU D 13 34.92 -11.12 5.55
N THR D 14 33.67 -10.90 5.15
CA THR D 14 33.14 -9.54 5.09
C THR D 14 32.86 -9.00 6.49
N ALA D 15 32.41 -9.87 7.40
CA ALA D 15 32.20 -9.45 8.78
C ALA D 15 33.52 -9.11 9.46
N LYS D 16 34.55 -9.93 9.25
CA LYS D 16 35.87 -9.63 9.80
C LYS D 16 36.39 -8.30 9.26
N LYS D 17 36.11 -7.99 7.99
CA LYS D 17 36.57 -6.73 7.42
C LYS D 17 35.74 -5.56 7.92
N LEU D 18 34.44 -5.76 8.10
CA LEU D 18 33.60 -4.70 8.65
C LEU D 18 33.97 -4.39 10.10
N ILE D 19 34.28 -5.44 10.87
CA ILE D 19 34.72 -5.22 12.26
C ILE D 19 36.05 -4.48 12.28
N GLU D 20 36.98 -4.87 11.41
CA GLU D 20 38.25 -4.16 11.33
C GLU D 20 38.06 -2.73 10.82
N LYS D 21 37.09 -2.52 9.93
CA LYS D 21 36.81 -1.16 9.46
C LYS D 21 36.26 -0.29 10.58
N LEU D 22 35.33 -0.82 11.37
CA LEU D 22 34.77 -0.06 12.49
C LEU D 22 35.83 0.23 13.54
N ALA D 23 36.59 -0.79 13.92
CA ALA D 23 37.65 -0.61 14.91
C ALA D 23 38.78 0.24 14.32
N LYS D 24 39.62 0.77 15.21
CA LYS D 24 40.75 1.63 14.87
C LYS D 24 40.31 2.91 14.17
N GLU D 25 39.04 3.27 14.30
CA GLU D 25 38.51 4.51 13.73
C GLU D 25 37.74 5.27 14.79
N GLU D 26 37.31 6.48 14.43
CA GLU D 26 36.61 7.35 15.37
C GLU D 26 35.34 7.92 14.73
#